data_5B7Q
#
_entry.id   5B7Q
#
_cell.length_a   103.129
_cell.length_b   103.129
_cell.length_c   119.002
_cell.angle_alpha   90.00
_cell.angle_beta   90.00
_cell.angle_gamma   120.00
#
_symmetry.space_group_name_H-M   'P 31 2 1'
#
loop_
_entity.id
_entity.type
_entity.pdbx_description
1 polymer 'MTA/SAH nucleosidase'
2 non-polymer "5'-DEOXYADENOSINE"
3 water water
#
_entity_poly.entity_id   1
_entity_poly.type   'polypeptide(L)'
_entity_poly.pdbx_seq_one_letter_code
;ASAPILIQGAMDVEVETLVAALKDKQELTVGSWTYWQGTLSGYPVVVSRTEVGLANAAAATTLAMERFQPRLVINQGTAG
GHDPALHRGDIVIGTKSFNMGAYRSDLTPAEQGVDPSKWHNFEVTMRLRDNGKLVEHSSFAGDPELVGRALGMADRYRHG
RVVPGIIGTADEWNRQVARINWLHQTYQTAAEEMETSSAALVAEAYKVPFVGIRVLSNTDLHGEEFDPQTAIHCQQFVID
YAKALINGF
;
_entity_poly.pdbx_strand_id   A,B
#
# COMPACT_ATOMS: atom_id res chain seq x y z
N ALA A 1 -0.66 -18.94 26.31
CA ALA A 1 0.51 -18.60 25.52
C ALA A 1 0.63 -17.09 25.36
N SER A 2 1.86 -16.60 25.36
CA SER A 2 2.11 -15.16 25.36
C SER A 2 2.10 -14.62 23.93
N ALA A 3 1.47 -13.46 23.75
CA ALA A 3 1.38 -12.84 22.44
C ALA A 3 2.77 -12.35 22.00
N PRO A 4 3.17 -12.64 20.75
CA PRO A 4 4.54 -12.36 20.34
C PRO A 4 4.84 -10.90 20.06
N ILE A 5 6.12 -10.52 20.13
CA ILE A 5 6.56 -9.28 19.52
C ILE A 5 6.73 -9.57 18.03
N LEU A 6 6.19 -8.71 17.17
CA LEU A 6 6.39 -8.81 15.72
C LEU A 6 7.47 -7.81 15.32
N ILE A 7 8.53 -8.32 14.67
CA ILE A 7 9.61 -7.48 14.18
C ILE A 7 9.72 -7.64 12.66
N GLN A 8 9.67 -6.53 11.93
CA GLN A 8 9.61 -6.54 10.46
C GLN A 8 10.86 -5.95 9.80
N GLY A 9 11.21 -6.49 8.63
CA GLY A 9 12.16 -5.90 7.72
C GLY A 9 11.77 -6.29 6.30
N ALA A 10 12.12 -5.45 5.33
CA ALA A 10 11.65 -5.66 3.97
C ALA A 10 12.48 -6.67 3.20
N MET A 11 13.79 -6.55 3.33
CA MET A 11 14.73 -7.31 2.52
C MET A 11 15.50 -8.31 3.35
N ASP A 12 16.10 -9.28 2.69
CA ASP A 12 16.89 -10.30 3.39
C ASP A 12 17.94 -9.70 4.32
N VAL A 13 18.64 -8.69 3.85
CA VAL A 13 19.71 -8.09 4.64
C VAL A 13 19.15 -7.40 5.91
N GLU A 14 17.86 -7.06 5.89
CA GLU A 14 17.21 -6.38 7.02
C GLU A 14 16.60 -7.37 8.01
N VAL A 15 16.63 -8.67 7.72
CA VAL A 15 16.07 -9.66 8.66
C VAL A 15 16.99 -10.81 9.07
N GLU A 16 18.08 -11.04 8.34
CA GLU A 16 18.88 -12.24 8.60
C GLU A 16 19.51 -12.27 10.01
N THR A 17 19.89 -11.10 10.50
CA THR A 17 20.45 -10.97 11.84
C THR A 17 19.38 -11.23 12.90
N LEU A 18 18.17 -10.71 12.69
CA LEU A 18 17.06 -11.02 13.58
C LEU A 18 16.78 -12.51 13.62
N VAL A 19 16.73 -13.13 12.45
CA VAL A 19 16.40 -14.54 12.36
C VAL A 19 17.47 -15.41 13.05
N ALA A 20 18.72 -15.03 12.90
CA ALA A 20 19.82 -15.75 13.52
C ALA A 20 19.75 -15.69 15.05
N ALA A 21 19.10 -14.65 15.57
CA ALA A 21 18.97 -14.45 17.01
C ALA A 21 17.89 -15.29 17.67
N LEU A 22 16.91 -15.78 16.90
CA LEU A 22 15.82 -16.56 17.48
C LEU A 22 16.26 -17.96 17.85
N LYS A 23 15.70 -18.48 18.92
CA LYS A 23 15.83 -19.90 19.26
C LYS A 23 14.60 -20.67 18.86
N ASP A 24 14.78 -21.96 18.62
CA ASP A 24 13.68 -22.88 18.36
C ASP A 24 12.71 -22.39 17.27
N LYS A 25 13.29 -22.12 16.11
CA LYS A 25 12.58 -21.49 15.02
C LYS A 25 11.74 -22.44 14.20
N GLN A 26 10.69 -21.90 13.63
CA GLN A 26 10.06 -22.53 12.49
C GLN A 26 9.73 -21.41 11.52
N GLU A 27 9.69 -21.75 10.24
CA GLU A 27 9.54 -20.76 9.19
C GLU A 27 8.26 -21.04 8.43
N LEU A 28 7.43 -20.02 8.32
CA LEU A 28 6.11 -20.15 7.71
C LEU A 28 5.98 -19.18 6.56
N THR A 29 5.56 -19.67 5.39
CA THR A 29 5.29 -18.80 4.25
C THR A 29 3.86 -18.96 3.74
N VAL A 30 3.21 -17.82 3.53
CA VAL A 30 1.86 -17.79 2.98
C VAL A 30 1.86 -16.72 1.90
N GLY A 31 1.40 -17.05 0.70
CA GLY A 31 1.45 -16.09 -0.38
C GLY A 31 2.89 -15.70 -0.66
N SER A 32 3.17 -14.40 -0.59
CA SER A 32 4.49 -13.88 -0.85
C SER A 32 5.28 -13.59 0.43
N TRP A 33 4.74 -13.94 1.59
CA TRP A 33 5.26 -13.41 2.87
C TRP A 33 5.73 -14.50 3.81
N THR A 34 6.99 -14.37 4.25
CA THR A 34 7.63 -15.35 5.12
C THR A 34 7.80 -14.81 6.54
N TYR A 35 7.61 -15.71 7.50
CA TYR A 35 7.65 -15.39 8.93
C TYR A 35 8.52 -16.43 9.61
N TRP A 36 9.32 -16.00 10.58
CA TRP A 36 10.07 -16.94 11.41
C TRP A 36 9.55 -16.79 12.83
N GLN A 37 9.05 -17.88 13.38
CA GLN A 37 8.54 -17.89 14.74
C GLN A 37 9.54 -18.56 15.63
N GLY A 38 9.94 -17.88 16.71
CA GLY A 38 10.86 -18.46 17.67
C GLY A 38 10.82 -17.67 18.97
N THR A 39 11.89 -17.76 19.75
CA THR A 39 11.95 -17.01 21.00
C THR A 39 13.21 -16.16 21.10
N LEU A 40 13.09 -15.03 21.79
CA LEU A 40 14.23 -14.24 22.25
C LEU A 40 14.10 -14.15 23.76
N SER A 41 15.18 -14.46 24.47
CA SER A 41 15.13 -14.50 25.93
C SER A 41 13.94 -15.29 26.44
N GLY A 42 13.59 -16.36 25.72
CA GLY A 42 12.50 -17.24 26.12
C GLY A 42 11.08 -16.74 25.82
N TYR A 43 10.97 -15.57 25.18
CA TYR A 43 9.67 -14.96 24.91
C TYR A 43 9.35 -15.04 23.41
N PRO A 44 8.07 -15.31 23.06
CA PRO A 44 7.74 -15.48 21.62
C PRO A 44 7.95 -14.23 20.78
N VAL A 45 8.67 -14.40 19.67
CA VAL A 45 8.93 -13.33 18.70
C VAL A 45 8.70 -13.89 17.31
N VAL A 46 8.08 -13.07 16.46
CA VAL A 46 7.91 -13.42 15.05
C VAL A 46 8.67 -12.39 14.23
N VAL A 47 9.58 -12.84 13.39
CA VAL A 47 10.26 -11.97 12.45
C VAL A 47 9.57 -12.12 11.09
N SER A 48 9.23 -10.98 10.48
CA SER A 48 8.53 -10.92 9.20
C SER A 48 9.40 -10.27 8.16
N ARG A 49 9.59 -10.95 7.02
CA ARG A 49 10.19 -10.34 5.82
C ARG A 49 9.03 -9.80 4.97
N THR A 50 8.86 -8.48 4.93
CA THR A 50 7.63 -7.91 4.38
C THR A 50 7.61 -7.77 2.86
N GLU A 51 8.78 -7.89 2.23
CA GLU A 51 8.99 -7.38 0.88
C GLU A 51 8.82 -5.84 0.85
N VAL A 52 8.90 -5.24 -0.33
CA VAL A 52 9.15 -3.80 -0.44
C VAL A 52 7.93 -3.00 -0.88
N GLY A 53 7.72 -1.86 -0.23
CA GLY A 53 6.70 -0.93 -0.65
C GLY A 53 5.42 -0.99 0.16
N LEU A 54 4.52 -0.05 -0.11
CA LEU A 54 3.36 0.10 0.77
C LEU A 54 2.40 -1.09 0.72
N ALA A 55 2.12 -1.58 -0.49
CA ALA A 55 1.18 -2.69 -0.62
C ALA A 55 1.71 -3.93 0.09
N ASN A 56 2.98 -4.27 -0.16
CA ASN A 56 3.60 -5.41 0.50
C ASN A 56 3.61 -5.26 2.01
N ALA A 57 3.99 -4.08 2.50
CA ALA A 57 4.03 -3.89 3.94
C ALA A 57 2.67 -4.09 4.55
N ALA A 58 1.62 -3.55 3.91
CA ALA A 58 0.30 -3.68 4.52
C ALA A 58 -0.20 -5.12 4.51
N ALA A 59 0.06 -5.82 3.41
CA ALA A 59 -0.30 -7.22 3.33
C ALA A 59 0.41 -8.04 4.38
N ALA A 60 1.72 -7.86 4.48
CA ALA A 60 2.52 -8.63 5.46
C ALA A 60 2.09 -8.35 6.88
N THR A 61 1.73 -7.10 7.16
CA THR A 61 1.32 -6.74 8.50
C THR A 61 -0.03 -7.34 8.82
N THR A 62 -0.96 -7.22 7.89
CA THR A 62 -2.30 -7.77 8.07
C THR A 62 -2.26 -9.28 8.27
N LEU A 63 -1.48 -9.97 7.44
CA LEU A 63 -1.36 -11.42 7.56
C LEU A 63 -0.80 -11.79 8.93
N ALA A 64 0.15 -11.01 9.41
CA ALA A 64 0.73 -11.25 10.74
C ALA A 64 -0.30 -11.06 11.83
N MET A 65 -1.15 -10.06 11.68
CA MET A 65 -2.18 -9.83 12.68
C MET A 65 -3.11 -11.03 12.75
N GLU A 66 -3.52 -11.52 11.59
CA GLU A 66 -4.45 -12.62 11.53
C GLU A 66 -3.85 -13.93 12.05
N ARG A 67 -2.59 -14.19 11.71
CA ARG A 67 -1.95 -15.45 12.07
C ARG A 67 -1.40 -15.48 13.48
N PHE A 68 -0.85 -14.37 13.95
CA PHE A 68 -0.03 -14.37 15.16
C PHE A 68 -0.52 -13.48 16.30
N GLN A 69 -1.44 -12.55 16.01
CA GLN A 69 -1.98 -11.64 17.03
C GLN A 69 -0.90 -11.06 17.96
N PRO A 70 0.03 -10.28 17.39
CA PRO A 70 1.14 -9.79 18.22
C PRO A 70 0.72 -8.73 19.21
N ARG A 71 1.53 -8.60 20.27
CA ARG A 71 1.25 -7.58 21.28
C ARG A 71 1.81 -6.21 20.94
N LEU A 72 2.84 -6.17 20.10
CA LEU A 72 3.35 -4.92 19.59
C LEU A 72 4.14 -5.21 18.30
N VAL A 73 4.35 -4.17 17.50
CA VAL A 73 5.05 -4.27 16.22
C VAL A 73 6.20 -3.29 16.19
N ILE A 74 7.39 -3.80 15.86
CA ILE A 74 8.55 -2.98 15.54
C ILE A 74 8.81 -3.13 14.08
N ASN A 75 8.71 -2.06 13.32
CA ASN A 75 9.06 -2.08 11.91
C ASN A 75 10.41 -1.44 11.79
N GLN A 76 11.34 -2.14 11.18
CA GLN A 76 12.70 -1.60 11.09
C GLN A 76 13.33 -1.86 9.73
N GLY A 77 14.55 -1.37 9.57
CA GLY A 77 15.24 -1.45 8.30
C GLY A 77 16.01 -0.18 7.98
N THR A 78 16.32 0.01 6.71
CA THR A 78 17.15 1.14 6.30
C THR A 78 16.33 2.23 5.62
N ALA A 79 16.93 3.41 5.52
CA ALA A 79 16.25 4.59 5.02
C ALA A 79 17.28 5.56 4.45
N GLY A 80 16.80 6.53 3.70
CA GLY A 80 17.64 7.59 3.15
C GLY A 80 17.43 8.89 3.89
N GLY A 81 18.51 9.61 4.16
CA GLY A 81 18.42 10.86 4.90
C GLY A 81 17.69 11.97 4.17
N HIS A 82 16.84 12.69 4.92
CA HIS A 82 16.20 13.93 4.44
C HIS A 82 16.67 15.13 5.26
N ASP A 83 17.07 14.88 6.50
CA ASP A 83 17.54 15.96 7.39
C ASP A 83 19.06 16.10 7.22
N PRO A 84 19.53 17.32 6.86
CA PRO A 84 20.97 17.46 6.60
C PRO A 84 21.83 17.22 7.84
N ALA A 85 21.23 17.28 9.03
CA ALA A 85 21.99 17.07 10.27
C ALA A 85 22.40 15.60 10.44
N LEU A 86 21.73 14.70 9.72
CA LEU A 86 21.93 13.26 9.93
C LEU A 86 22.86 12.62 8.89
N HIS A 87 23.54 11.56 9.31
CA HIS A 87 24.49 10.86 8.47
C HIS A 87 24.22 9.38 8.45
N ARG A 88 24.79 8.71 7.46
CA ARG A 88 24.74 7.27 7.36
C ARG A 88 25.14 6.66 8.68
N GLY A 89 24.33 5.71 9.17
CA GLY A 89 24.58 5.03 10.42
C GLY A 89 23.76 5.57 11.58
N ASP A 90 23.24 6.79 11.46
CA ASP A 90 22.35 7.33 12.49
C ASP A 90 21.02 6.60 12.43
N ILE A 91 20.40 6.43 13.59
CA ILE A 91 19.10 5.77 13.68
C ILE A 91 18.00 6.77 14.03
N VAL A 92 16.91 6.71 13.27
CA VAL A 92 15.73 7.51 13.55
C VAL A 92 14.66 6.65 14.22
N ILE A 93 14.14 7.15 15.34
CA ILE A 93 12.98 6.55 16.00
C ILE A 93 11.76 7.38 15.58
N GLY A 94 10.77 6.70 14.99
CA GLY A 94 9.64 7.37 14.36
C GLY A 94 8.64 7.96 15.34
N THR A 95 8.79 9.24 15.66
CA THR A 95 7.81 9.91 16.48
C THR A 95 6.49 9.91 15.74
N LYS A 96 6.58 10.07 14.42
CA LYS A 96 5.43 9.79 13.56
C LYS A 96 5.91 9.28 12.22
N SER A 97 5.02 8.56 11.51
CA SER A 97 5.24 8.22 10.12
C SER A 97 4.00 8.62 9.34
N PHE A 98 4.16 8.86 8.05
CA PHE A 98 3.03 9.24 7.22
C PHE A 98 3.29 8.85 5.78
N ASN A 99 2.22 8.81 4.99
CA ASN A 99 2.34 8.49 3.58
C ASN A 99 2.78 9.72 2.80
N MET A 100 4.10 9.84 2.65
CA MET A 100 4.72 10.97 1.96
C MET A 100 4.44 10.92 0.46
N GLY A 101 4.11 9.74 -0.05
CA GLY A 101 3.83 9.59 -1.47
C GLY A 101 2.42 9.97 -1.89
N ALA A 102 1.58 10.30 -0.94
CA ALA A 102 0.18 10.57 -1.24
C ALA A 102 0.02 12.01 -1.74
N TYR A 103 -0.45 12.17 -2.98
CA TYR A 103 -0.50 13.49 -3.64
C TYR A 103 -1.89 13.84 -4.17
N ARG A 104 -2.36 15.06 -3.89
CA ARG A 104 -3.56 15.57 -4.52
C ARG A 104 -3.21 16.94 -5.09
N SER A 105 -3.75 17.27 -6.26
CA SER A 105 -3.48 18.57 -6.84
C SER A 105 -4.75 19.26 -7.33
N ASP A 106 -4.73 20.58 -7.28
CA ASP A 106 -5.82 21.38 -7.83
C ASP A 106 -5.76 21.36 -9.35
N LEU A 107 -6.90 21.64 -10.00
CA LEU A 107 -6.97 21.68 -11.45
C LEU A 107 -6.07 22.74 -12.07
N THR A 108 -5.22 22.33 -13.01
CA THR A 108 -4.49 23.28 -13.85
C THR A 108 -4.54 22.84 -15.30
N PRO A 109 -4.69 23.81 -16.21
CA PRO A 109 -4.73 23.44 -17.63
C PRO A 109 -3.36 23.02 -18.15
N ALA A 110 -3.33 22.37 -19.31
CA ALA A 110 -2.10 21.81 -19.86
C ALA A 110 -0.96 22.84 -20.01
N GLU A 111 -1.31 24.05 -20.42
CA GLU A 111 -0.33 25.08 -20.71
C GLU A 111 0.50 25.47 -19.47
N GLN A 112 -0.01 25.22 -18.26
CA GLN A 112 0.74 25.52 -17.04
C GLN A 112 1.75 24.44 -16.64
N GLY A 113 1.78 23.35 -17.38
CA GLY A 113 2.77 22.32 -17.14
C GLY A 113 2.55 21.57 -15.84
N VAL A 114 3.65 20.97 -15.36
CA VAL A 114 3.63 20.14 -14.17
C VAL A 114 4.41 20.83 -13.06
N ASP A 115 3.81 20.93 -11.87
CA ASP A 115 4.45 21.61 -10.74
C ASP A 115 4.25 20.77 -9.46
N PRO A 116 5.26 19.97 -9.10
CA PRO A 116 5.13 19.11 -7.92
C PRO A 116 5.08 19.87 -6.60
N SER A 117 5.48 21.13 -6.61
CA SER A 117 5.37 21.92 -5.39
C SER A 117 3.89 22.20 -5.05
N LYS A 118 2.98 21.88 -5.99
CA LYS A 118 1.54 22.03 -5.80
C LYS A 118 0.86 20.70 -5.53
N TRP A 119 1.63 19.63 -5.38
CA TRP A 119 1.08 18.32 -5.02
C TRP A 119 1.04 18.22 -3.51
N HIS A 120 -0.15 18.24 -2.94
CA HIS A 120 -0.31 18.30 -1.50
C HIS A 120 -0.56 16.93 -0.93
N ASN A 121 -0.15 16.74 0.32
CA ASN A 121 -0.32 15.46 0.96
C ASN A 121 -1.79 15.09 0.99
N PHE A 122 -2.10 13.89 0.52
CA PHE A 122 -3.49 13.45 0.32
C PHE A 122 -3.92 12.53 1.47
N GLU A 123 -4.53 13.12 2.48
CA GLU A 123 -4.72 12.43 3.76
C GLU A 123 -5.72 11.27 3.71
N VAL A 124 -6.57 11.23 2.70
CA VAL A 124 -7.55 10.15 2.62
C VAL A 124 -6.89 8.76 2.57
N THR A 125 -5.64 8.70 2.11
CA THR A 125 -4.90 7.44 2.06
C THR A 125 -4.58 6.89 3.45
N MET A 126 -4.71 7.71 4.49
CA MET A 126 -4.47 7.28 5.87
C MET A 126 -5.74 7.26 6.69
N ARG A 127 -6.87 7.56 6.06
CA ARG A 127 -8.16 7.53 6.74
C ARG A 127 -8.59 6.09 7.00
N LEU A 128 -9.13 5.84 8.18
CA LEU A 128 -9.56 4.49 8.58
C LEU A 128 -10.96 4.56 9.12
N ARG A 129 -11.46 3.39 9.48
CA ARG A 129 -12.73 3.27 10.19
C ARG A 129 -12.49 2.58 11.51
N ASP A 130 -13.21 3.04 12.55
CA ASP A 130 -13.12 2.44 13.86
C ASP A 130 -14.54 2.09 14.24
N ASN A 131 -14.78 0.79 14.43
CA ASN A 131 -16.12 0.26 14.59
C ASN A 131 -17.06 0.89 13.58
N GLY A 132 -16.64 0.90 12.32
CA GLY A 132 -17.49 1.38 11.25
C GLY A 132 -17.55 2.89 11.04
N LYS A 133 -16.96 3.66 11.96
CA LYS A 133 -16.99 5.12 11.87
C LYS A 133 -15.67 5.70 11.34
N LEU A 134 -15.74 6.67 10.42
CA LEU A 134 -14.55 7.22 9.80
C LEU A 134 -13.69 8.01 10.78
N VAL A 135 -12.39 7.74 10.74
CA VAL A 135 -11.40 8.43 11.57
C VAL A 135 -10.29 8.94 10.67
N GLU A 136 -10.13 10.27 10.62
CA GLU A 136 -9.04 10.86 9.84
C GLU A 136 -7.69 10.72 10.55
N HIS A 137 -6.64 10.56 9.74
CA HIS A 137 -5.26 10.52 10.23
C HIS A 137 -4.40 11.28 9.22
N SER A 138 -3.62 12.26 9.70
CA SER A 138 -2.64 12.94 8.85
C SER A 138 -1.22 12.32 9.01
N SER A 139 -1.10 11.44 9.99
CA SER A 139 0.13 10.69 10.27
C SER A 139 -0.22 9.64 11.30
N PHE A 140 0.72 8.73 11.57
CA PHE A 140 0.57 7.75 12.66
C PHE A 140 1.71 7.96 13.65
N ALA A 141 1.35 8.26 14.89
CA ALA A 141 2.32 8.46 15.95
C ALA A 141 2.90 7.11 16.36
N GLY A 142 4.22 7.03 16.50
CA GLY A 142 4.82 5.89 17.15
C GLY A 142 4.27 5.85 18.57
N ASP A 143 4.03 4.66 19.10
CA ASP A 143 3.55 4.56 20.47
C ASP A 143 4.55 5.32 21.34
N PRO A 144 4.07 6.34 22.09
CA PRO A 144 5.05 7.24 22.70
C PRO A 144 5.92 6.59 23.75
N GLU A 145 5.40 5.60 24.48
CA GLU A 145 6.25 4.90 25.42
C GLU A 145 7.30 4.07 24.68
N LEU A 146 6.93 3.44 23.58
CA LEU A 146 7.93 2.66 22.82
C LEU A 146 8.99 3.57 22.25
N VAL A 147 8.57 4.73 21.73
CA VAL A 147 9.49 5.72 21.19
C VAL A 147 10.45 6.18 22.29
N GLY A 148 9.89 6.52 23.45
CA GLY A 148 10.70 6.96 24.57
C GLY A 148 11.75 5.93 25.00
N ARG A 149 11.34 4.66 25.06
CA ARG A 149 12.27 3.60 25.44
C ARG A 149 13.46 3.56 24.48
N ALA A 150 13.20 3.66 23.18
CA ALA A 150 14.27 3.60 22.21
C ALA A 150 15.22 4.77 22.39
N LEU A 151 14.67 5.97 22.62
CA LEU A 151 15.50 7.14 22.85
C LEU A 151 16.33 7.02 24.13
N GLY A 152 15.76 6.42 25.17
CA GLY A 152 16.46 6.18 26.43
C GLY A 152 17.56 5.15 26.31
N MET A 153 17.47 4.29 25.28
CA MET A 153 18.52 3.31 25.00
C MET A 153 19.55 3.82 23.98
N ALA A 154 19.50 5.11 23.66
CA ALA A 154 20.38 5.68 22.63
C ALA A 154 21.86 5.37 22.82
N ASP A 155 22.35 5.45 24.06
CA ASP A 155 23.78 5.25 24.28
C ASP A 155 24.18 3.78 24.32
N ARG A 156 23.23 2.88 24.06
CA ARG A 156 23.57 1.47 23.83
C ARG A 156 23.86 1.17 22.36
N TYR A 157 23.56 2.10 21.48
CA TYR A 157 23.82 1.93 20.05
C TYR A 157 25.25 2.36 19.75
N ARG A 158 26.02 1.45 19.16
CA ARG A 158 27.48 1.63 19.06
C ARG A 158 27.97 2.32 17.78
N HIS A 159 27.07 2.63 16.86
CA HIS A 159 27.48 3.03 15.52
C HIS A 159 26.85 4.30 15.00
N GLY A 160 26.40 5.18 15.88
CA GLY A 160 25.84 6.44 15.43
C GLY A 160 24.89 7.01 16.45
N ARG A 161 24.29 8.12 16.07
CA ARG A 161 23.31 8.78 16.93
C ARG A 161 21.97 8.05 16.82
N VAL A 162 21.17 8.14 17.88
CA VAL A 162 19.78 7.71 17.86
C VAL A 162 18.96 8.96 18.16
N VAL A 163 18.07 9.33 17.25
CA VAL A 163 17.35 10.59 17.32
C VAL A 163 15.87 10.36 17.06
N PRO A 164 14.99 11.19 17.64
CA PRO A 164 13.59 11.14 17.20
C PRO A 164 13.42 11.83 15.88
N GLY A 165 12.51 11.35 15.06
CA GLY A 165 12.27 12.00 13.79
C GLY A 165 11.01 11.53 13.12
N ILE A 166 10.64 12.24 12.07
CA ILE A 166 9.49 11.88 11.25
C ILE A 166 9.95 11.03 10.08
N ILE A 167 9.29 9.90 9.90
CA ILE A 167 9.60 8.98 8.82
C ILE A 167 8.57 9.18 7.70
N GLY A 168 9.07 9.53 6.51
CA GLY A 168 8.24 9.67 5.34
C GLY A 168 8.26 8.40 4.50
N THR A 169 7.11 7.77 4.40
CA THR A 169 6.96 6.52 3.66
C THR A 169 6.38 6.80 2.27
N ALA A 170 6.97 6.21 1.25
CA ALA A 170 6.46 6.36 -0.10
C ALA A 170 7.00 5.23 -0.96
N ASP A 171 6.32 4.94 -2.07
CA ASP A 171 6.81 3.96 -3.03
C ASP A 171 7.84 4.67 -3.94
N GLU A 172 8.83 5.29 -3.31
CA GLU A 172 9.79 6.15 -3.98
C GLU A 172 11.18 5.98 -3.42
N TRP A 173 12.17 6.16 -4.30
CA TRP A 173 13.55 6.39 -3.87
C TRP A 173 13.99 7.68 -4.57
N ASN A 174 14.04 8.77 -3.81
CA ASN A 174 14.41 10.08 -4.34
C ASN A 174 15.89 10.35 -4.27
N ARG A 175 16.48 10.72 -5.41
CA ARG A 175 17.87 11.16 -5.45
C ARG A 175 18.03 12.53 -6.09
N GLN A 176 16.93 13.21 -6.40
CA GLN A 176 17.01 14.61 -6.81
C GLN A 176 17.11 15.40 -5.52
N VAL A 177 18.29 15.95 -5.26
CA VAL A 177 18.54 16.64 -3.99
C VAL A 177 17.57 17.79 -3.72
N ALA A 178 17.17 18.52 -4.77
CA ALA A 178 16.19 19.59 -4.57
C ALA A 178 14.85 19.04 -4.09
N ARG A 179 14.51 17.81 -4.48
CA ARG A 179 13.23 17.21 -4.07
C ARG A 179 13.31 16.73 -2.64
N ILE A 180 14.43 16.11 -2.28
CA ILE A 180 14.67 15.76 -0.89
C ILE A 180 14.55 16.99 0.02
N ASN A 181 15.19 18.09 -0.40
CA ASN A 181 15.17 19.31 0.40
C ASN A 181 13.73 19.82 0.54
N TRP A 182 12.98 19.76 -0.55
CA TRP A 182 11.59 20.24 -0.56
C TRP A 182 10.73 19.39 0.39
N LEU A 183 10.92 18.07 0.35
CA LEU A 183 10.20 17.18 1.26
C LEU A 183 10.55 17.46 2.71
N HIS A 184 11.84 17.64 2.98
CA HIS A 184 12.27 17.94 4.34
C HIS A 184 11.66 19.26 4.84
N GLN A 185 11.71 20.28 3.99
CA GLN A 185 11.19 21.59 4.36
C GLN A 185 9.68 21.64 4.54
N THR A 186 8.98 20.82 3.76
CA THR A 186 7.52 20.78 3.80
C THR A 186 6.96 19.91 4.93
N TYR A 187 7.61 18.77 5.19
CA TYR A 187 7.07 17.75 6.07
C TYR A 187 7.93 17.46 7.31
N GLN A 188 9.07 18.12 7.40
CA GLN A 188 9.99 17.98 8.53
C GLN A 188 10.49 16.55 8.68
N THR A 189 10.65 15.88 7.55
CA THR A 189 11.09 14.49 7.53
C THR A 189 12.57 14.33 7.94
N ALA A 190 12.85 13.28 8.70
CA ALA A 190 14.22 12.89 9.01
C ALA A 190 14.79 12.00 7.93
N ALA A 191 13.94 11.14 7.37
CA ALA A 191 14.38 10.11 6.45
C ALA A 191 13.21 9.60 5.65
N GLU A 192 13.51 8.99 4.51
CA GLU A 192 12.49 8.37 3.65
C GLU A 192 12.72 6.87 3.56
N GLU A 193 11.62 6.14 3.48
CA GLU A 193 11.69 4.72 3.19
C GLU A 193 10.34 4.29 2.60
N MET A 194 10.10 3.00 2.49
CA MET A 194 9.00 2.52 1.66
C MET A 194 7.95 1.65 2.35
N GLU A 195 8.01 1.52 3.68
CA GLU A 195 7.06 0.65 4.39
C GLU A 195 6.39 1.19 5.63
N THR A 196 7.08 2.02 6.39
CA THR A 196 6.70 2.27 7.78
C THR A 196 5.26 2.68 7.97
N SER A 197 4.82 3.70 7.24
CA SER A 197 3.47 4.23 7.51
C SER A 197 2.38 3.27 7.09
N SER A 198 2.72 2.37 6.19
CA SER A 198 1.76 1.37 5.74
C SER A 198 1.58 0.31 6.82
N ALA A 199 2.69 -0.18 7.39
CA ALA A 199 2.62 -1.07 8.55
C ALA A 199 1.95 -0.37 9.75
N ALA A 200 2.25 0.92 9.91
CA ALA A 200 1.65 1.69 10.99
C ALA A 200 0.13 1.79 10.82
N LEU A 201 -0.31 2.02 9.59
CA LEU A 201 -1.75 2.10 9.29
C LEU A 201 -2.48 0.82 9.72
N VAL A 202 -1.90 -0.34 9.38
CA VAL A 202 -2.50 -1.60 9.77
C VAL A 202 -2.49 -1.77 11.29
N ALA A 203 -1.38 -1.43 11.94
CA ALA A 203 -1.31 -1.53 13.40
C ALA A 203 -2.33 -0.63 14.07
N GLU A 204 -2.54 0.55 13.52
CA GLU A 204 -3.59 1.45 14.06
C GLU A 204 -4.98 0.83 13.92
N ALA A 205 -5.26 0.23 12.76
CA ALA A 205 -6.56 -0.41 12.52
C ALA A 205 -6.82 -1.51 13.52
N TYR A 206 -5.77 -2.26 13.85
CA TYR A 206 -5.89 -3.36 14.79
C TYR A 206 -5.66 -2.95 16.26
N LYS A 207 -5.32 -1.68 16.46
CA LYS A 207 -5.02 -1.13 17.77
C LYS A 207 -3.91 -1.89 18.49
N VAL A 208 -2.81 -2.11 17.77
CA VAL A 208 -1.62 -2.73 18.31
C VAL A 208 -0.48 -1.68 18.34
N PRO A 209 0.16 -1.50 19.52
CA PRO A 209 1.26 -0.54 19.62
C PRO A 209 2.36 -0.79 18.59
N PHE A 210 2.85 0.29 18.02
CA PHE A 210 3.74 0.27 16.87
C PHE A 210 4.90 1.25 17.06
N VAL A 211 6.09 0.85 16.68
CA VAL A 211 7.19 1.80 16.56
C VAL A 211 8.03 1.51 15.32
N GLY A 212 8.39 2.57 14.60
CA GLY A 212 9.34 2.48 13.51
C GLY A 212 10.76 2.88 13.94
N ILE A 213 11.73 2.07 13.55
CA ILE A 213 13.14 2.27 13.89
C ILE A 213 13.95 2.08 12.60
N ARG A 214 14.55 3.14 12.11
CA ARG A 214 15.22 3.13 10.82
C ARG A 214 16.63 3.66 10.92
N VAL A 215 17.57 2.91 10.36
CA VAL A 215 18.94 3.39 10.21
C VAL A 215 19.10 4.03 8.84
N LEU A 216 19.85 5.12 8.78
CA LEU A 216 20.19 5.70 7.51
C LEU A 216 21.28 4.86 6.85
N SER A 217 20.95 4.20 5.75
CA SER A 217 21.97 3.46 5.00
C SER A 217 22.61 4.31 3.92
N ASN A 218 22.03 5.49 3.69
CA ASN A 218 22.46 6.36 2.61
C ASN A 218 21.92 7.75 2.87
N THR A 219 22.63 8.75 2.35
CA THR A 219 22.04 10.07 2.24
C THR A 219 22.71 10.87 1.15
N ASP A 220 21.90 11.33 0.21
CA ASP A 220 22.42 12.10 -0.90
C ASP A 220 22.70 13.55 -0.50
N LEU A 221 22.37 13.90 0.72
CA LEU A 221 22.69 15.23 1.22
C LEU A 221 24.17 15.32 1.62
N HIS A 222 24.83 14.18 1.75
CA HIS A 222 26.26 14.17 2.12
C HIS A 222 27.08 13.25 1.22
N GLY A 223 26.52 12.86 0.10
CA GLY A 223 27.23 11.99 -0.83
C GLY A 223 27.55 10.61 -0.25
N GLU A 224 26.69 10.14 0.66
CA GLU A 224 26.94 8.86 1.34
C GLU A 224 26.11 7.76 0.69
N GLU A 225 26.78 6.89 -0.06
CA GLU A 225 26.12 5.82 -0.79
C GLU A 225 25.70 4.68 0.14
N PHE A 226 24.81 3.83 -0.35
CA PHE A 226 24.27 2.70 0.42
C PHE A 226 25.36 1.83 1.04
N ASP A 227 25.27 1.61 2.35
CA ASP A 227 26.14 0.68 3.05
C ASP A 227 25.29 -0.39 3.73
N PRO A 228 25.32 -1.64 3.24
CA PRO A 228 24.44 -2.68 3.79
C PRO A 228 24.74 -3.04 5.23
N GLN A 229 25.94 -2.73 5.70
CA GLN A 229 26.32 -3.05 7.07
C GLN A 229 25.44 -2.29 8.07
N THR A 230 24.88 -1.16 7.64
CA THR A 230 24.01 -0.40 8.52
C THR A 230 22.79 -1.22 8.88
N ALA A 231 22.31 -2.05 7.96
CA ALA A 231 21.14 -2.88 8.23
C ALA A 231 21.41 -3.88 9.35
N ILE A 232 22.63 -4.42 9.40
CA ILE A 232 23.01 -5.34 10.46
C ILE A 232 23.02 -4.59 11.80
N HIS A 233 23.62 -3.42 11.79
CA HIS A 233 23.73 -2.60 13.00
C HIS A 233 22.36 -2.24 13.57
N CYS A 234 21.41 -1.93 12.67
CA CYS A 234 20.05 -1.63 13.09
C CYS A 234 19.42 -2.85 13.76
N GLN A 235 19.55 -4.01 13.15
CA GLN A 235 18.98 -5.21 13.77
C GLN A 235 19.57 -5.51 15.15
N GLN A 236 20.88 -5.29 15.32
CA GLN A 236 21.50 -5.47 16.63
C GLN A 236 20.86 -4.57 17.69
N PHE A 237 20.64 -3.31 17.33
CA PHE A 237 20.01 -2.38 18.25
C PHE A 237 18.60 -2.84 18.57
N VAL A 238 17.86 -3.25 17.54
CA VAL A 238 16.49 -3.72 17.71
C VAL A 238 16.40 -4.96 18.60
N ILE A 239 17.34 -5.89 18.47
CA ILE A 239 17.37 -7.06 19.34
C ILE A 239 17.56 -6.65 20.80
N ASP A 240 18.48 -5.72 21.04
CA ASP A 240 18.71 -5.20 22.39
C ASP A 240 17.43 -4.55 22.94
N TYR A 241 16.79 -3.76 22.09
CA TYR A 241 15.53 -3.11 22.43
C TYR A 241 14.42 -4.11 22.75
N ALA A 242 14.27 -5.13 21.91
CA ALA A 242 13.27 -6.16 22.14
C ALA A 242 13.52 -6.92 23.44
N LYS A 243 14.78 -7.29 23.69
CA LYS A 243 15.13 -7.95 24.94
C LYS A 243 14.80 -7.07 26.15
N ALA A 244 14.96 -5.76 26.03
CA ALA A 244 14.60 -4.86 27.14
C ALA A 244 13.09 -4.88 27.38
N LEU A 245 12.29 -4.87 26.32
CA LEU A 245 10.85 -4.97 26.47
C LEU A 245 10.48 -6.29 27.12
N ILE A 246 11.13 -7.35 26.68
CA ILE A 246 10.84 -8.69 27.18
C ILE A 246 11.15 -8.78 28.67
N ASN A 247 12.25 -8.17 29.10
CA ASN A 247 12.60 -8.17 30.51
C ASN A 247 11.49 -7.56 31.35
N GLY A 248 10.79 -6.60 30.76
CA GLY A 248 9.73 -5.88 31.42
C GLY A 248 8.42 -6.64 31.44
N PHE A 249 8.26 -7.60 30.54
CA PHE A 249 7.06 -8.42 30.51
C PHE A 249 7.15 -9.35 31.73
N SER B 2 -17.82 -24.04 -3.21
CA SER B 2 -18.50 -23.08 -2.34
C SER B 2 -17.61 -21.89 -2.00
N ALA B 3 -16.49 -21.73 -2.72
CA ALA B 3 -15.60 -20.61 -2.45
C ALA B 3 -16.26 -19.37 -3.03
N PRO B 4 -16.32 -18.28 -2.25
CA PRO B 4 -17.06 -17.10 -2.73
C PRO B 4 -16.34 -16.27 -3.79
N ILE B 5 -17.13 -15.54 -4.56
CA ILE B 5 -16.63 -14.40 -5.31
C ILE B 5 -16.44 -13.24 -4.32
N LEU B 6 -15.27 -12.61 -4.39
CA LEU B 6 -15.01 -11.41 -3.61
C LEU B 6 -15.18 -10.20 -4.52
N ILE B 7 -16.04 -9.26 -4.12
CA ILE B 7 -16.23 -8.01 -4.85
C ILE B 7 -15.88 -6.84 -3.94
N GLN B 8 -14.99 -5.98 -4.42
CA GLN B 8 -14.44 -4.87 -3.62
C GLN B 8 -14.86 -3.50 -4.14
N GLY B 9 -15.03 -2.57 -3.20
CA GLY B 9 -15.12 -1.15 -3.53
C GLY B 9 -14.55 -0.38 -2.35
N ALA B 10 -14.01 0.82 -2.61
CA ALA B 10 -13.30 1.56 -1.56
C ALA B 10 -14.23 2.33 -0.65
N MET B 11 -15.18 3.04 -1.24
CA MET B 11 -16.02 3.97 -0.50
C MET B 11 -17.42 3.41 -0.35
N ASP B 12 -18.16 3.96 0.60
CA ASP B 12 -19.52 3.48 0.81
C ASP B 12 -20.36 3.52 -0.47
N VAL B 13 -20.27 4.60 -1.23
CA VAL B 13 -21.09 4.74 -2.44
C VAL B 13 -20.72 3.68 -3.50
N GLU B 14 -19.52 3.11 -3.40
CA GLU B 14 -19.06 2.11 -4.35
C GLU B 14 -19.40 0.68 -3.91
N VAL B 15 -20.04 0.51 -2.75
CA VAL B 15 -20.40 -0.85 -2.30
C VAL B 15 -21.87 -1.03 -1.90
N GLU B 16 -22.59 0.05 -1.62
CA GLU B 16 -23.94 -0.09 -1.05
C GLU B 16 -24.95 -0.79 -2.01
N THR B 17 -24.78 -0.59 -3.30
CA THR B 17 -25.64 -1.22 -4.30
C THR B 17 -25.34 -2.73 -4.33
N LEU B 18 -24.06 -3.08 -4.25
CA LEU B 18 -23.68 -4.49 -4.12
C LEU B 18 -24.30 -5.13 -2.88
N VAL B 19 -24.16 -4.45 -1.75
CA VAL B 19 -24.64 -4.97 -0.48
C VAL B 19 -26.15 -5.19 -0.55
N ALA B 20 -26.87 -4.24 -1.15
CA ALA B 20 -28.32 -4.36 -1.28
C ALA B 20 -28.74 -5.57 -2.13
N ALA B 21 -27.86 -6.04 -3.02
CA ALA B 21 -28.16 -7.17 -3.89
C ALA B 21 -28.01 -8.52 -3.21
N LEU B 22 -27.28 -8.57 -2.10
CA LEU B 22 -27.04 -9.82 -1.41
C LEU B 22 -28.24 -10.31 -0.62
N LYS B 23 -28.44 -11.62 -0.63
CA LYS B 23 -29.44 -12.27 0.17
C LYS B 23 -28.76 -12.89 1.38
N ASP B 24 -29.48 -12.97 2.50
CA ASP B 24 -29.01 -13.64 3.70
C ASP B 24 -27.64 -13.11 4.17
N LYS B 25 -27.53 -11.78 4.24
CA LYS B 25 -26.29 -11.10 4.59
C LYS B 25 -25.87 -11.31 6.03
N GLN B 26 -24.57 -11.52 6.24
CA GLN B 26 -23.96 -11.44 7.55
C GLN B 26 -22.80 -10.45 7.44
N GLU B 27 -22.69 -9.52 8.37
CA GLU B 27 -21.65 -8.47 8.35
C GLU B 27 -20.51 -8.82 9.31
N LEU B 28 -19.26 -8.57 8.89
CA LEU B 28 -18.07 -8.81 9.72
C LEU B 28 -17.18 -7.59 9.61
N THR B 29 -16.72 -7.08 10.74
CA THR B 29 -15.72 -6.00 10.73
C THR B 29 -14.50 -6.43 11.51
N VAL B 30 -13.35 -6.30 10.88
CA VAL B 30 -12.08 -6.61 11.54
C VAL B 30 -11.17 -5.43 11.25
N GLY B 31 -10.58 -4.85 12.28
CA GLY B 31 -9.75 -3.68 12.10
C GLY B 31 -10.59 -2.56 11.48
N SER B 32 -10.14 -2.03 10.35
CA SER B 32 -10.82 -0.96 9.66
C SER B 32 -11.72 -1.44 8.53
N TRP B 33 -11.89 -2.75 8.40
CA TRP B 33 -12.44 -3.32 7.17
C TRP B 33 -13.71 -4.13 7.39
N THR B 34 -14.75 -3.73 6.68
CA THR B 34 -16.05 -4.38 6.79
C THR B 34 -16.32 -5.26 5.57
N TYR B 35 -16.90 -6.43 5.84
CA TYR B 35 -17.27 -7.41 4.81
C TYR B 35 -18.73 -7.80 5.01
N TRP B 36 -19.44 -8.01 3.90
CA TRP B 36 -20.78 -8.54 3.93
C TRP B 36 -20.77 -9.87 3.18
N GLN B 37 -21.15 -10.93 3.87
CA GLN B 37 -21.16 -12.28 3.33
C GLN B 37 -22.62 -12.67 3.08
N GLY B 38 -22.94 -12.99 1.84
CA GLY B 38 -24.30 -13.38 1.51
C GLY B 38 -24.27 -14.21 0.25
N THR B 39 -25.40 -14.20 -0.48
CA THR B 39 -25.47 -14.89 -1.76
C THR B 39 -26.01 -13.99 -2.86
N LEU B 40 -25.56 -14.29 -4.08
CA LEU B 40 -26.15 -13.77 -5.31
C LEU B 40 -26.51 -14.98 -6.15
N SER B 41 -27.74 -15.03 -6.63
CA SER B 41 -28.22 -16.18 -7.38
C SER B 41 -27.91 -17.49 -6.68
N GLY B 42 -27.99 -17.47 -5.36
CA GLY B 42 -27.79 -18.64 -4.54
C GLY B 42 -26.35 -19.05 -4.30
N TYR B 43 -25.39 -18.26 -4.79
CA TYR B 43 -23.97 -18.61 -4.70
C TYR B 43 -23.26 -17.63 -3.74
N PRO B 44 -22.31 -18.11 -2.92
CA PRO B 44 -21.64 -17.22 -1.96
C PRO B 44 -20.84 -16.09 -2.58
N VAL B 45 -21.08 -14.89 -2.07
CA VAL B 45 -20.39 -13.69 -2.49
C VAL B 45 -20.04 -12.91 -1.24
N VAL B 46 -18.85 -12.32 -1.24
CA VAL B 46 -18.40 -11.45 -0.16
C VAL B 46 -18.13 -10.09 -0.77
N VAL B 47 -18.79 -9.08 -0.23
CA VAL B 47 -18.55 -7.69 -0.61
C VAL B 47 -17.66 -7.05 0.44
N SER B 48 -16.61 -6.38 -0.02
CA SER B 48 -15.61 -5.76 0.84
C SER B 48 -15.55 -4.27 0.58
N ARG B 49 -15.67 -3.48 1.65
CA ARG B 49 -15.40 -2.06 1.59
C ARG B 49 -13.94 -1.89 2.02
N THR B 50 -13.06 -1.57 1.06
CA THR B 50 -11.62 -1.62 1.30
C THR B 50 -11.04 -0.39 1.98
N GLU B 51 -11.79 0.72 1.98
CA GLU B 51 -11.23 2.05 2.23
C GLU B 51 -10.24 2.41 1.11
N VAL B 52 -9.57 3.56 1.22
CA VAL B 52 -8.93 4.17 0.06
C VAL B 52 -7.41 4.06 0.05
N GLY B 53 -6.85 3.76 -1.12
CA GLY B 53 -5.41 3.82 -1.31
C GLY B 53 -4.74 2.46 -1.24
N LEU B 54 -3.44 2.44 -1.54
CA LEU B 54 -2.73 1.18 -1.74
C LEU B 54 -2.61 0.34 -0.46
N ALA B 55 -2.30 0.99 0.67
CA ALA B 55 -2.18 0.26 1.92
C ALA B 55 -3.51 -0.36 2.33
N ASN B 56 -4.57 0.44 2.30
CA ASN B 56 -5.89 -0.06 2.64
C ASN B 56 -6.31 -1.22 1.73
N ALA B 57 -6.09 -1.07 0.43
CA ALA B 57 -6.52 -2.09 -0.52
C ALA B 57 -5.79 -3.41 -0.26
N ALA B 58 -4.49 -3.32 -0.01
CA ALA B 58 -3.72 -4.54 0.25
C ALA B 58 -4.14 -5.22 1.55
N ALA B 59 -4.34 -4.43 2.59
CA ALA B 59 -4.80 -4.99 3.86
C ALA B 59 -6.17 -5.65 3.70
N ALA B 60 -7.11 -4.93 3.09
CA ALA B 60 -8.46 -5.49 2.92
C ALA B 60 -8.48 -6.76 2.08
N THR B 61 -7.63 -6.80 1.04
CA THR B 61 -7.56 -7.97 0.17
C THR B 61 -6.94 -9.16 0.94
N THR B 62 -5.86 -8.91 1.67
CA THR B 62 -5.18 -9.96 2.44
C THR B 62 -6.11 -10.55 3.50
N LEU B 63 -6.80 -9.67 4.22
CA LEU B 63 -7.74 -10.08 5.24
C LEU B 63 -8.84 -10.98 4.63
N ALA B 64 -9.36 -10.61 3.46
CA ALA B 64 -10.35 -11.42 2.77
C ALA B 64 -9.78 -12.78 2.34
N MET B 65 -8.54 -12.81 1.88
CA MET B 65 -7.95 -14.08 1.54
C MET B 65 -7.88 -15.00 2.74
N GLU B 66 -7.48 -14.47 3.89
CA GLU B 66 -7.32 -15.25 5.09
C GLU B 66 -8.66 -15.71 5.65
N ARG B 67 -9.66 -14.85 5.61
CA ARG B 67 -10.95 -15.13 6.21
C ARG B 67 -11.89 -15.95 5.30
N PHE B 68 -11.83 -15.71 3.99
CA PHE B 68 -12.85 -16.25 3.08
C PHE B 68 -12.37 -17.16 1.97
N GLN B 69 -11.07 -17.14 1.65
CA GLN B 69 -10.51 -17.97 0.56
C GLN B 69 -11.33 -17.91 -0.74
N PRO B 70 -11.49 -16.70 -1.30
CA PRO B 70 -12.33 -16.53 -2.48
C PRO B 70 -11.78 -17.21 -3.72
N ARG B 71 -12.67 -17.57 -4.63
CA ARG B 71 -12.23 -18.22 -5.87
C ARG B 71 -11.83 -17.23 -6.96
N LEU B 72 -12.32 -16.00 -6.88
CA LEU B 72 -11.87 -14.92 -7.74
C LEU B 72 -12.20 -13.56 -7.09
N VAL B 73 -11.50 -12.52 -7.54
CA VAL B 73 -11.67 -11.17 -7.03
C VAL B 73 -12.02 -10.22 -8.16
N ILE B 74 -13.09 -9.45 -7.95
CA ILE B 74 -13.45 -8.34 -8.81
C ILE B 74 -13.26 -7.07 -7.99
N ASN B 75 -12.32 -6.23 -8.40
CA ASN B 75 -12.13 -4.94 -7.77
C ASN B 75 -12.77 -3.90 -8.66
N GLN B 76 -13.65 -3.09 -8.08
CA GLN B 76 -14.36 -2.11 -8.88
C GLN B 76 -14.52 -0.79 -8.15
N GLY B 77 -15.08 0.20 -8.84
CA GLY B 77 -15.20 1.52 -8.27
C GLY B 77 -15.03 2.56 -9.36
N THR B 78 -14.71 3.80 -8.96
CA THR B 78 -14.57 4.86 -9.95
C THR B 78 -13.12 5.26 -10.14
N ALA B 79 -12.90 6.00 -11.21
CA ALA B 79 -11.57 6.37 -11.66
C ALA B 79 -11.63 7.65 -12.47
N GLY B 80 -10.47 8.24 -12.72
CA GLY B 80 -10.37 9.46 -13.51
C GLY B 80 -9.74 9.17 -14.85
N GLY B 81 -10.27 9.78 -15.91
CA GLY B 81 -9.76 9.54 -17.25
C GLY B 81 -8.34 10.02 -17.50
N HIS B 82 -7.55 9.18 -18.16
CA HIS B 82 -6.24 9.54 -18.69
C HIS B 82 -6.20 9.57 -20.21
N ASP B 83 -7.08 8.80 -20.83
CA ASP B 83 -7.10 8.70 -22.29
C ASP B 83 -8.17 9.70 -22.79
N PRO B 84 -7.77 10.64 -23.66
CA PRO B 84 -8.74 11.63 -24.14
C PRO B 84 -9.93 11.04 -24.91
N ALA B 85 -9.83 9.80 -25.37
CA ALA B 85 -10.95 9.19 -26.07
C ALA B 85 -12.10 8.79 -25.15
N LEU B 86 -11.86 8.74 -23.85
CA LEU B 86 -12.87 8.23 -22.91
C LEU B 86 -13.55 9.37 -22.16
N HIS B 87 -14.79 9.12 -21.77
CA HIS B 87 -15.64 10.12 -21.13
C HIS B 87 -16.25 9.57 -19.85
N ARG B 88 -16.73 10.47 -19.01
CA ARG B 88 -17.41 10.08 -17.79
C ARG B 88 -18.53 9.10 -18.13
N GLY B 89 -18.58 8.01 -17.37
CA GLY B 89 -19.54 6.95 -17.60
C GLY B 89 -18.97 5.75 -18.36
N ASP B 90 -17.89 5.93 -19.11
CA ASP B 90 -17.26 4.79 -19.76
C ASP B 90 -16.68 3.88 -18.70
N ILE B 91 -16.65 2.57 -18.97
CA ILE B 91 -16.08 1.58 -18.08
C ILE B 91 -14.83 0.99 -18.69
N VAL B 92 -13.76 0.97 -17.90
CA VAL B 92 -12.49 0.39 -18.30
C VAL B 92 -12.36 -0.99 -17.64
N ILE B 93 -12.11 -2.01 -18.45
CA ILE B 93 -11.78 -3.34 -17.96
C ILE B 93 -10.28 -3.46 -18.00
N GLY B 94 -9.66 -3.73 -16.86
CA GLY B 94 -8.23 -3.68 -16.74
C GLY B 94 -7.47 -4.82 -17.40
N THR B 95 -6.95 -4.60 -18.60
CA THR B 95 -6.10 -5.60 -19.24
C THR B 95 -4.86 -5.81 -18.37
N LYS B 96 -4.40 -4.72 -17.79
CA LYS B 96 -3.41 -4.79 -16.73
C LYS B 96 -3.56 -3.57 -15.81
N SER B 97 -3.00 -3.70 -14.60
CA SER B 97 -2.87 -2.59 -13.68
C SER B 97 -1.42 -2.56 -13.20
N PHE B 98 -0.97 -1.41 -12.75
CA PHE B 98 0.41 -1.30 -12.26
C PHE B 98 0.47 -0.14 -11.28
N ASN B 99 1.52 -0.14 -10.47
CA ASN B 99 1.74 0.93 -9.50
C ASN B 99 2.38 2.12 -10.23
N MET B 100 1.53 3.02 -10.69
CA MET B 100 1.91 4.21 -11.42
C MET B 100 2.60 5.24 -10.51
N GLY B 101 2.36 5.13 -9.20
CA GLY B 101 2.94 6.07 -8.25
C GLY B 101 4.34 5.69 -7.80
N ALA B 102 4.84 4.55 -8.27
CA ALA B 102 6.16 4.11 -7.84
C ALA B 102 7.25 4.79 -8.66
N TYR B 103 8.18 5.49 -8.00
CA TYR B 103 9.16 6.34 -8.70
C TYR B 103 10.56 6.12 -8.14
N ARG B 104 11.53 6.01 -9.02
CA ARG B 104 12.93 6.14 -8.60
C ARG B 104 13.56 7.21 -9.47
N SER B 105 14.44 8.01 -8.88
CA SER B 105 15.12 9.06 -9.63
C SER B 105 16.63 8.95 -9.51
N ASP B 106 17.32 9.40 -10.56
CA ASP B 106 18.77 9.44 -10.59
C ASP B 106 19.30 10.66 -9.84
N LEU B 107 20.53 10.54 -9.38
CA LEU B 107 21.12 11.58 -8.54
C LEU B 107 21.26 12.90 -9.31
N THR B 108 20.72 13.97 -8.76
CA THR B 108 20.93 15.31 -9.31
C THR B 108 21.19 16.30 -8.19
N PRO B 109 22.18 17.18 -8.38
CA PRO B 109 22.45 18.15 -7.31
C PRO B 109 21.33 19.17 -7.20
N ALA B 110 21.30 19.85 -6.07
CA ALA B 110 20.19 20.73 -5.72
C ALA B 110 20.01 21.82 -6.78
N GLU B 111 21.12 22.25 -7.36
CA GLU B 111 21.10 23.28 -8.39
C GLU B 111 20.20 22.92 -9.59
N GLN B 112 19.99 21.62 -9.84
CA GLN B 112 19.26 21.18 -11.04
C GLN B 112 17.74 21.14 -10.87
N GLY B 113 17.27 21.44 -9.67
CA GLY B 113 15.83 21.52 -9.44
C GLY B 113 15.16 20.14 -9.46
N VAL B 114 13.84 20.13 -9.63
CA VAL B 114 13.05 18.90 -9.59
C VAL B 114 12.38 18.70 -10.94
N ASP B 115 12.51 17.50 -11.48
CA ASP B 115 11.95 17.18 -12.78
C ASP B 115 11.30 15.80 -12.78
N PRO B 116 9.98 15.75 -12.57
CA PRO B 116 9.30 14.46 -12.51
C PRO B 116 9.33 13.69 -13.83
N SER B 117 9.59 14.37 -14.95
CA SER B 117 9.63 13.68 -16.24
C SER B 117 10.86 12.75 -16.32
N LYS B 118 11.79 12.91 -15.39
CA LYS B 118 12.99 12.06 -15.33
C LYS B 118 12.83 10.91 -14.36
N TRP B 119 11.72 10.87 -13.63
CA TRP B 119 11.47 9.77 -12.71
C TRP B 119 11.11 8.48 -13.46
N HIS B 120 11.68 7.36 -13.00
CA HIS B 120 11.41 6.06 -13.60
C HIS B 120 10.46 5.24 -12.75
N ASN B 121 9.62 4.44 -13.40
CA ASN B 121 8.71 3.53 -12.68
C ASN B 121 9.54 2.53 -11.88
N PHE B 122 9.21 2.37 -10.60
CA PHE B 122 10.06 1.67 -9.62
C PHE B 122 9.44 0.30 -9.36
N GLU B 123 9.87 -0.67 -10.16
CA GLU B 123 9.16 -1.94 -10.24
C GLU B 123 9.32 -2.84 -9.01
N VAL B 124 10.27 -2.54 -8.14
CA VAL B 124 10.46 -3.36 -6.96
C VAL B 124 9.20 -3.35 -6.07
N THR B 125 8.41 -2.30 -6.18
CA THR B 125 7.17 -2.20 -5.41
C THR B 125 6.15 -3.26 -5.81
N MET B 126 6.36 -3.89 -6.96
CA MET B 126 5.47 -4.95 -7.44
C MET B 126 6.16 -6.32 -7.43
N ARG B 127 7.38 -6.36 -6.91
CA ARG B 127 8.11 -7.64 -6.81
C ARG B 127 7.54 -8.49 -5.68
N LEU B 128 7.39 -9.77 -5.94
CA LEU B 128 6.84 -10.72 -4.99
C LEU B 128 7.80 -11.90 -4.85
N ARG B 129 7.44 -12.81 -3.95
CA ARG B 129 8.10 -14.09 -3.83
C ARG B 129 7.05 -15.17 -3.99
N ASP B 130 7.46 -16.27 -4.60
CA ASP B 130 6.60 -17.42 -4.84
C ASP B 130 7.40 -18.61 -4.35
N ASN B 131 6.87 -19.32 -3.35
CA ASN B 131 7.59 -20.40 -2.71
C ASN B 131 8.97 -19.93 -2.30
N GLY B 132 9.05 -18.67 -1.87
CA GLY B 132 10.30 -18.12 -1.37
C GLY B 132 11.24 -17.51 -2.41
N LYS B 133 10.94 -17.71 -3.70
CA LYS B 133 11.80 -17.21 -4.77
C LYS B 133 11.28 -15.88 -5.38
N LEU B 134 12.17 -14.93 -5.62
CA LEU B 134 11.77 -13.62 -6.11
C LEU B 134 11.22 -13.70 -7.53
N VAL B 135 10.08 -13.04 -7.72
CA VAL B 135 9.42 -12.95 -9.02
C VAL B 135 9.16 -11.47 -9.33
N GLU B 136 9.75 -10.98 -10.41
CA GLU B 136 9.57 -9.59 -10.81
C GLU B 136 8.22 -9.42 -11.51
N HIS B 137 7.63 -8.26 -11.30
CA HIS B 137 6.39 -7.87 -11.97
C HIS B 137 6.47 -6.40 -12.34
N SER B 138 6.19 -6.08 -13.59
CA SER B 138 6.13 -4.67 -14.01
C SER B 138 4.67 -4.22 -14.11
N SER B 139 3.77 -5.18 -14.04
CA SER B 139 2.32 -4.94 -13.95
C SER B 139 1.65 -6.26 -13.57
N PHE B 140 0.35 -6.19 -13.32
CA PHE B 140 -0.48 -7.36 -13.06
C PHE B 140 -1.56 -7.45 -14.14
N ALA B 141 -1.54 -8.54 -14.90
CA ALA B 141 -2.56 -8.71 -15.93
C ALA B 141 -3.90 -9.06 -15.31
N GLY B 142 -4.97 -8.42 -15.78
CA GLY B 142 -6.28 -8.93 -15.48
C GLY B 142 -6.39 -10.36 -16.00
N ASP B 143 -7.05 -11.25 -15.27
CA ASP B 143 -7.24 -12.61 -15.78
C ASP B 143 -7.89 -12.50 -17.16
N PRO B 144 -7.23 -13.03 -18.22
CA PRO B 144 -7.74 -12.66 -19.55
C PRO B 144 -9.12 -13.20 -19.88
N GLU B 145 -9.48 -14.36 -19.33
CA GLU B 145 -10.85 -14.84 -19.52
C GLU B 145 -11.87 -13.91 -18.83
N LEU B 146 -11.55 -13.47 -17.62
CA LEU B 146 -12.42 -12.54 -16.89
C LEU B 146 -12.54 -11.22 -17.65
N VAL B 147 -11.44 -10.74 -18.22
CA VAL B 147 -11.43 -9.51 -19.00
C VAL B 147 -12.34 -9.70 -20.21
N GLY B 148 -12.14 -10.81 -20.92
CA GLY B 148 -12.92 -11.08 -22.12
C GLY B 148 -14.40 -11.13 -21.84
N ARG B 149 -14.78 -11.78 -20.76
CA ARG B 149 -16.19 -11.85 -20.36
C ARG B 149 -16.79 -10.48 -20.19
N ALA B 150 -16.11 -9.59 -19.49
CA ALA B 150 -16.63 -8.23 -19.28
C ALA B 150 -16.80 -7.52 -20.61
N LEU B 151 -15.83 -7.65 -21.52
CA LEU B 151 -15.96 -7.05 -22.85
C LEU B 151 -17.13 -7.66 -23.65
N GLY B 152 -17.32 -8.96 -23.53
CA GLY B 152 -18.43 -9.60 -24.23
C GLY B 152 -19.79 -9.16 -23.72
N MET B 153 -19.86 -8.71 -22.46
CA MET B 153 -21.11 -8.20 -21.88
C MET B 153 -21.29 -6.69 -22.07
N ALA B 154 -20.47 -6.07 -22.90
CA ALA B 154 -20.48 -4.61 -23.04
C ALA B 154 -21.86 -4.05 -23.34
N ASP B 155 -22.63 -4.73 -24.18
CA ASP B 155 -23.89 -4.13 -24.61
C ASP B 155 -24.96 -4.12 -23.52
N ARG B 156 -24.72 -4.84 -22.43
CA ARG B 156 -25.62 -4.85 -21.29
C ARG B 156 -25.47 -3.59 -20.40
N TYR B 157 -24.38 -2.86 -20.61
CA TYR B 157 -24.15 -1.59 -19.93
C TYR B 157 -24.64 -0.43 -20.80
N ARG B 158 -25.60 0.34 -20.28
CA ARG B 158 -26.29 1.32 -21.10
C ARG B 158 -25.95 2.77 -20.73
N HIS B 159 -24.84 2.99 -20.01
CA HIS B 159 -24.49 4.35 -19.60
C HIS B 159 -23.12 4.80 -20.08
N GLY B 160 -22.59 4.11 -21.08
CA GLY B 160 -21.30 4.45 -21.67
C GLY B 160 -20.72 3.24 -22.39
N ARG B 161 -19.49 3.36 -22.85
CA ARG B 161 -18.81 2.27 -23.56
C ARG B 161 -18.03 1.44 -22.55
N VAL B 162 -17.85 0.16 -22.85
CA VAL B 162 -17.04 -0.75 -22.04
C VAL B 162 -15.84 -1.09 -22.91
N VAL B 163 -14.65 -0.75 -22.42
CA VAL B 163 -13.44 -0.85 -23.22
C VAL B 163 -12.33 -1.50 -22.41
N PRO B 164 -11.42 -2.19 -23.10
CA PRO B 164 -10.23 -2.62 -22.40
C PRO B 164 -9.26 -1.44 -22.19
N GLY B 165 -8.55 -1.42 -21.08
CA GLY B 165 -7.55 -0.38 -20.88
C GLY B 165 -6.61 -0.70 -19.75
N ILE B 166 -5.60 0.14 -19.61
CA ILE B 166 -4.56 0.00 -18.60
C ILE B 166 -4.95 0.89 -17.45
N ILE B 167 -4.99 0.32 -16.25
CA ILE B 167 -5.33 1.06 -15.04
C ILE B 167 -4.07 1.42 -14.26
N GLY B 168 -3.86 2.72 -14.09
CA GLY B 168 -2.74 3.24 -13.33
C GLY B 168 -3.16 3.49 -11.89
N THR B 169 -2.58 2.72 -10.96
CA THR B 169 -2.88 2.84 -9.55
C THR B 169 -1.82 3.67 -8.84
N ALA B 170 -2.27 4.60 -8.01
CA ALA B 170 -1.34 5.41 -7.23
C ALA B 170 -2.10 6.02 -6.08
N ASP B 171 -1.39 6.40 -5.04
CA ASP B 171 -1.98 7.14 -3.94
C ASP B 171 -2.08 8.63 -4.33
N GLU B 172 -2.72 8.87 -5.47
CA GLU B 172 -2.73 10.21 -6.08
C GLU B 172 -4.09 10.51 -6.67
N TRP B 173 -4.47 11.78 -6.62
CA TRP B 173 -5.53 12.31 -7.48
C TRP B 173 -4.91 13.48 -8.24
N ASN B 174 -4.60 13.25 -9.51
CA ASN B 174 -3.98 14.24 -10.35
C ASN B 174 -5.00 15.11 -11.07
N ARG B 175 -4.85 16.43 -10.94
CA ARG B 175 -5.69 17.36 -11.72
C ARG B 175 -4.85 18.35 -12.51
N GLN B 176 -3.53 18.17 -12.53
CA GLN B 176 -2.68 18.93 -13.46
C GLN B 176 -2.76 18.23 -14.80
N VAL B 177 -3.45 18.88 -15.74
CA VAL B 177 -3.70 18.24 -17.03
C VAL B 177 -2.42 17.85 -17.74
N ALA B 178 -1.35 18.66 -17.65
CA ALA B 178 -0.09 18.26 -18.25
C ALA B 178 0.48 16.98 -17.62
N ARG B 179 0.25 16.78 -16.33
CA ARG B 179 0.74 15.57 -15.67
C ARG B 179 -0.06 14.35 -16.16
N ILE B 180 -1.39 14.51 -16.24
CA ILE B 180 -2.23 13.45 -16.76
C ILE B 180 -1.78 13.08 -18.17
N ASN B 181 -1.55 14.09 -19.02
CA ASN B 181 -1.12 13.84 -20.39
C ASN B 181 0.22 13.12 -20.43
N TRP B 182 1.16 13.51 -19.56
CA TRP B 182 2.46 12.86 -19.54
C TRP B 182 2.35 11.40 -19.09
N LEU B 183 1.57 11.14 -18.04
CA LEU B 183 1.36 9.77 -17.60
C LEU B 183 0.72 8.93 -18.72
N HIS B 184 -0.26 9.48 -19.42
CA HIS B 184 -0.89 8.75 -20.53
C HIS B 184 0.10 8.46 -21.66
N GLN B 185 0.92 9.45 -21.99
CA GLN B 185 1.89 9.26 -23.07
C GLN B 185 2.96 8.26 -22.72
N THR B 186 3.31 8.20 -21.44
CA THR B 186 4.41 7.39 -20.96
C THR B 186 3.99 5.93 -20.69
N TYR B 187 2.78 5.76 -20.12
CA TYR B 187 2.31 4.45 -19.63
C TYR B 187 1.07 3.92 -20.32
N GLN B 188 0.50 4.70 -21.24
CA GLN B 188 -0.64 4.27 -22.04
C GLN B 188 -1.86 4.02 -21.19
N THR B 189 -1.96 4.75 -20.09
CA THR B 189 -3.06 4.57 -19.14
C THR B 189 -4.41 4.98 -19.70
N ALA B 190 -5.44 4.19 -19.40
CA ALA B 190 -6.82 4.57 -19.68
C ALA B 190 -7.36 5.50 -18.59
N ALA B 191 -6.97 5.22 -17.35
CA ALA B 191 -7.53 5.90 -16.19
C ALA B 191 -6.63 5.69 -14.96
N GLU B 192 -6.80 6.58 -13.98
CA GLU B 192 -6.12 6.47 -12.70
C GLU B 192 -7.11 6.24 -11.55
N GLU B 193 -6.66 5.45 -10.58
CA GLU B 193 -7.37 5.29 -9.33
C GLU B 193 -6.35 4.87 -8.26
N MET B 194 -6.84 4.41 -7.10
CA MET B 194 -5.98 4.32 -5.92
C MET B 194 -5.91 2.95 -5.28
N GLU B 195 -6.51 1.93 -5.88
CA GLU B 195 -6.49 0.59 -5.26
C GLU B 195 -6.11 -0.59 -6.16
N THR B 196 -6.39 -0.53 -7.46
CA THR B 196 -6.44 -1.75 -8.28
C THR B 196 -5.16 -2.57 -8.25
N SER B 197 -4.01 -1.97 -8.53
CA SER B 197 -2.77 -2.77 -8.62
C SER B 197 -2.36 -3.33 -7.27
N SER B 198 -2.81 -2.71 -6.19
CA SER B 198 -2.51 -3.20 -4.86
C SER B 198 -3.32 -4.46 -4.50
N ALA B 199 -4.62 -4.44 -4.75
CA ALA B 199 -5.44 -5.64 -4.64
C ALA B 199 -4.92 -6.71 -5.60
N ALA B 200 -4.51 -6.29 -6.80
CA ALA B 200 -4.03 -7.26 -7.79
C ALA B 200 -2.74 -7.93 -7.33
N LEU B 201 -1.87 -7.17 -6.66
CA LEU B 201 -0.62 -7.70 -6.14
C LEU B 201 -0.93 -8.82 -5.14
N VAL B 202 -1.84 -8.56 -4.23
CA VAL B 202 -2.21 -9.56 -3.24
C VAL B 202 -2.89 -10.76 -3.91
N ALA B 203 -3.76 -10.52 -4.89
CA ALA B 203 -4.37 -11.65 -5.62
C ALA B 203 -3.32 -12.52 -6.31
N GLU B 204 -2.30 -11.89 -6.89
CA GLU B 204 -1.21 -12.63 -7.52
C GLU B 204 -0.43 -13.45 -6.51
N ALA B 205 -0.14 -12.86 -5.35
CA ALA B 205 0.53 -13.59 -4.28
C ALA B 205 -0.22 -14.86 -3.85
N TYR B 206 -1.55 -14.76 -3.78
CA TYR B 206 -2.38 -15.89 -3.38
C TYR B 206 -2.85 -16.74 -4.57
N LYS B 207 -2.44 -16.34 -5.78
CA LYS B 207 -2.80 -17.06 -7.01
C LYS B 207 -4.32 -17.20 -7.18
N VAL B 208 -5.01 -16.09 -7.02
CA VAL B 208 -6.46 -16.02 -7.20
C VAL B 208 -6.74 -15.12 -8.40
N PRO B 209 -7.54 -15.61 -9.36
CA PRO B 209 -7.89 -14.78 -10.53
C PRO B 209 -8.49 -13.44 -10.16
N PHE B 210 -8.10 -12.40 -10.89
CA PHE B 210 -8.42 -11.04 -10.52
C PHE B 210 -8.85 -10.26 -11.75
N VAL B 211 -9.85 -9.39 -11.60
CA VAL B 211 -10.12 -8.42 -12.64
C VAL B 211 -10.53 -7.07 -12.02
N GLY B 212 -9.99 -6.01 -12.60
CA GLY B 212 -10.37 -4.65 -12.25
C GLY B 212 -11.36 -4.07 -13.23
N ILE B 213 -12.43 -3.47 -12.69
CA ILE B 213 -13.49 -2.88 -13.49
C ILE B 213 -13.77 -1.49 -12.92
N ARG B 214 -13.46 -0.46 -13.70
CA ARG B 214 -13.55 0.92 -13.22
C ARG B 214 -14.38 1.80 -14.15
N VAL B 215 -15.37 2.48 -13.60
CA VAL B 215 -16.12 3.49 -14.35
C VAL B 215 -15.40 4.83 -14.19
N LEU B 216 -15.35 5.62 -15.26
CA LEU B 216 -14.85 6.97 -15.15
C LEU B 216 -15.94 7.81 -14.51
N SER B 217 -15.67 8.26 -13.29
CA SER B 217 -16.58 9.20 -12.63
C SER B 217 -16.24 10.65 -12.95
N ASN B 218 -15.09 10.87 -13.57
CA ASN B 218 -14.58 12.19 -13.84
C ASN B 218 -13.49 12.11 -14.89
N THR B 219 -13.32 13.18 -15.64
CA THR B 219 -12.12 13.35 -16.42
C THR B 219 -11.82 14.81 -16.66
N ASP B 220 -10.65 15.25 -16.24
CA ASP B 220 -10.27 16.64 -16.43
C ASP B 220 -9.83 16.88 -17.86
N LEU B 221 -9.78 15.84 -18.67
CA LEU B 221 -9.46 16.02 -20.08
C LEU B 221 -10.65 16.57 -20.87
N HIS B 222 -11.83 16.53 -20.28
CA HIS B 222 -13.04 17.04 -20.92
C HIS B 222 -13.88 17.93 -20.00
N GLY B 223 -13.26 18.41 -18.92
CA GLY B 223 -13.97 19.23 -17.97
C GLY B 223 -15.16 18.54 -17.32
N GLU B 224 -15.13 17.21 -17.21
CA GLU B 224 -16.24 16.47 -16.64
C GLU B 224 -15.98 16.16 -15.16
N GLU B 225 -16.71 16.83 -14.29
CA GLU B 225 -16.50 16.73 -12.86
C GLU B 225 -17.15 15.46 -12.29
N PHE B 226 -16.77 15.12 -11.07
CA PHE B 226 -17.22 13.91 -10.42
C PHE B 226 -18.74 13.75 -10.38
N ASP B 227 -19.23 12.61 -10.85
CA ASP B 227 -20.65 12.26 -10.79
C ASP B 227 -20.80 10.96 -10.01
N PRO B 228 -21.35 11.03 -8.79
CA PRO B 228 -21.43 9.83 -7.94
C PRO B 228 -22.36 8.75 -8.50
N GLN B 229 -23.32 9.12 -9.34
CA GLN B 229 -24.19 8.10 -9.95
C GLN B 229 -23.43 7.08 -10.77
N THR B 230 -22.26 7.45 -11.29
CA THR B 230 -21.47 6.49 -12.05
C THR B 230 -21.11 5.28 -11.18
N ALA B 231 -20.88 5.48 -9.88
CA ALA B 231 -20.47 4.38 -9.01
C ALA B 231 -21.62 3.37 -8.88
N ILE B 232 -22.86 3.86 -8.90
CA ILE B 232 -24.03 2.99 -8.86
C ILE B 232 -24.14 2.17 -10.16
N HIS B 233 -23.96 2.84 -11.29
CA HIS B 233 -24.03 2.21 -12.60
C HIS B 233 -22.95 1.12 -12.74
N CYS B 234 -21.78 1.38 -12.18
CA CYS B 234 -20.69 0.41 -12.20
C CYS B 234 -21.09 -0.83 -11.41
N GLN B 235 -21.67 -0.64 -10.22
CA GLN B 235 -22.08 -1.76 -9.39
C GLN B 235 -23.16 -2.57 -10.08
N GLN B 236 -24.04 -1.89 -10.80
CA GLN B 236 -25.11 -2.60 -11.52
C GLN B 236 -24.51 -3.52 -12.59
N PHE B 237 -23.51 -3.02 -13.32
CA PHE B 237 -22.81 -3.82 -14.31
C PHE B 237 -22.12 -5.03 -13.64
N VAL B 238 -21.50 -4.77 -12.49
CA VAL B 238 -20.74 -5.81 -11.80
C VAL B 238 -21.64 -6.90 -11.25
N ILE B 239 -22.82 -6.53 -10.78
CA ILE B 239 -23.80 -7.52 -10.34
C ILE B 239 -24.19 -8.43 -11.50
N ASP B 240 -24.48 -7.85 -12.66
CA ASP B 240 -24.82 -8.60 -13.86
C ASP B 240 -23.67 -9.55 -14.24
N TYR B 241 -22.45 -9.02 -14.18
CA TYR B 241 -21.23 -9.77 -14.48
C TYR B 241 -21.03 -10.93 -13.52
N ALA B 242 -21.17 -10.67 -12.22
CA ALA B 242 -21.04 -11.73 -11.24
C ALA B 242 -22.11 -12.81 -11.41
N LYS B 243 -23.35 -12.39 -11.67
CA LYS B 243 -24.42 -13.36 -11.91
C LYS B 243 -24.14 -14.25 -13.12
N ALA B 244 -23.53 -13.70 -14.17
CA ALA B 244 -23.15 -14.48 -15.35
C ALA B 244 -22.11 -15.54 -14.98
N LEU B 245 -21.09 -15.14 -14.22
CA LEU B 245 -20.12 -16.10 -13.71
C LEU B 245 -20.80 -17.19 -12.90
N ILE B 246 -21.69 -16.77 -12.01
CA ILE B 246 -22.40 -17.70 -11.13
C ILE B 246 -23.26 -18.70 -11.93
N ASN B 247 -23.96 -18.23 -12.95
CA ASN B 247 -24.74 -19.11 -13.86
C ASN B 247 -23.86 -20.22 -14.42
N GLY B 248 -22.59 -19.91 -14.67
CA GLY B 248 -21.64 -20.86 -15.22
C GLY B 248 -20.99 -21.79 -14.22
N PHE B 249 -21.08 -21.48 -12.92
CA PHE B 249 -20.55 -22.38 -11.90
C PHE B 249 -21.48 -23.59 -11.80
#